data_3GSW
#
_entry.id   3GSW
#
_cell.length_a   56.610
_cell.length_b   79.879
_cell.length_c   57.893
_cell.angle_alpha   90.000
_cell.angle_beta   116.330
_cell.angle_gamma   90.000
#
_symmetry.space_group_name_H-M   'P 1 21 1'
#
loop_
_entity.id
_entity.type
_entity.pdbx_description
1 polymer 'HLA class I histocompatibility antigen, A-2 alpha chain'
2 polymer Beta-2-microglobulin
3 polymer 'HCMV pp65 fragment 495-503, variant T8A (NLVPMVAAV)'
4 water water
#
loop_
_entity_poly.entity_id
_entity_poly.type
_entity_poly.pdbx_seq_one_letter_code
_entity_poly.pdbx_strand_id
1 'polypeptide(L)'
;GSHSMRYFFTSVSRPGRGEPRFIAVGYVDDTQFVRFDSDAASQRMEPRAPWIEQEGPEYWDGETRKVKAHSQTHRVDLGT
LRGYYNQSEAGSHTVQRMYGCDVGSDWRFLRGYHQYAYDGKDYIALKEDLRSWTAADMAAQTTKHKWEAAHVAEQLRAYL
EGTCVEWLRRYLENGKETLQRTDAPKTHMTHHAVSDHEATLRCWALSFYPAEITLTWQRDGEDQTQDTELVETRPAGDGT
FQKWVAVVVPSGQEQRYTCHVQHEGLPKPLTLRW
;
A
2 'polypeptide(L)'
;MIQRTPKIQVYSRHPAENGKSNFLNCYVSGFHPSDIEVDLLKNGERIEKVEHSDLSFSKDWSFYLLYYTEFTPTEKDEYA
CRVNHVTLSQPKIVKWDRDM
;
B
3 'polypeptide(L)' NLVPMVAAV P
#
# COMPACT_ATOMS: atom_id res chain seq x y z
N GLY A 1 0.25 -17.15 11.46
CA GLY A 1 -0.36 -17.76 10.23
C GLY A 1 0.57 -17.62 9.04
N SER A 2 -0.01 -17.27 7.88
CA SER A 2 0.72 -17.14 6.62
CA SER A 2 0.73 -17.14 6.62
C SER A 2 1.54 -15.84 6.57
N HIS A 3 2.62 -15.86 5.79
CA HIS A 3 3.46 -14.68 5.63
C HIS A 3 3.84 -14.51 4.16
N SER A 4 4.19 -13.27 3.79
CA SER A 4 4.47 -12.91 2.41
C SER A 4 5.69 -12.01 2.30
N MET A 5 6.42 -12.14 1.20
CA MET A 5 7.41 -11.14 0.80
C MET A 5 7.02 -10.66 -0.59
N ARG A 6 7.04 -9.34 -0.78
CA ARG A 6 6.63 -8.76 -2.06
C ARG A 6 7.50 -7.58 -2.39
N TYR A 7 7.87 -7.49 -3.66
CA TYR A 7 8.52 -6.31 -4.18
C TYR A 7 7.61 -5.62 -5.19
N PHE A 8 7.62 -4.29 -5.17
CA PHE A 8 6.77 -3.45 -6.03
C PHE A 8 7.68 -2.48 -6.75
N PHE A 9 7.57 -2.39 -8.08
CA PHE A 9 8.44 -1.55 -8.90
C PHE A 9 7.60 -0.68 -9.80
N THR A 10 7.93 0.60 -9.86
CA THR A 10 7.19 1.56 -10.70
C THR A 10 8.21 2.39 -11.47
N SER A 11 8.10 2.41 -12.80
CA SER A 11 8.92 3.30 -13.62
CA SER A 11 8.91 3.29 -13.64
C SER A 11 8.04 4.22 -14.46
N VAL A 12 8.42 5.49 -14.51
CA VAL A 12 7.61 6.49 -15.21
C VAL A 12 8.51 7.29 -16.15
N SER A 13 8.22 7.25 -17.44
CA SER A 13 9.04 7.97 -18.41
C SER A 13 8.85 9.48 -18.28
N ARG A 14 9.90 10.21 -18.61
CA ARG A 14 9.94 11.67 -18.55
C ARG A 14 10.45 12.15 -19.91
N PRO A 15 9.54 12.26 -20.90
CA PRO A 15 9.89 12.60 -22.30
C PRO A 15 10.63 13.92 -22.47
N GLY A 16 10.38 14.90 -21.61
CA GLY A 16 11.03 16.22 -21.69
C GLY A 16 12.55 16.16 -21.54
N ARG A 17 13.01 15.35 -20.58
CA ARG A 17 14.44 15.23 -20.31
C ARG A 17 14.77 14.07 -19.37
N GLY A 18 15.77 13.28 -19.74
CA GLY A 18 16.36 12.32 -18.81
C GLY A 18 15.64 10.98 -18.75
N GLU A 19 16.11 10.16 -17.82
CA GLU A 19 15.68 8.78 -17.67
C GLU A 19 14.40 8.66 -16.85
N PRO A 20 13.70 7.53 -16.96
CA PRO A 20 12.51 7.32 -16.15
C PRO A 20 12.79 7.43 -14.66
N ARG A 21 11.78 7.87 -13.90
CA ARG A 21 11.81 7.81 -12.45
C ARG A 21 11.47 6.38 -12.06
N PHE A 22 12.37 5.73 -11.32
CA PHE A 22 12.18 4.35 -10.88
C PHE A 22 12.17 4.26 -9.35
N ILE A 23 11.11 3.62 -8.81
CA ILE A 23 10.98 3.43 -7.36
C ILE A 23 10.70 1.95 -7.08
N ALA A 24 11.53 1.34 -6.25
CA ALA A 24 11.33 -0.05 -5.82
C ALA A 24 11.08 -0.08 -4.32
N VAL A 25 10.13 -0.91 -3.89
CA VAL A 25 9.92 -1.07 -2.44
C VAL A 25 9.76 -2.55 -2.12
N GLY A 26 10.28 -2.95 -0.97
CA GLY A 26 10.17 -4.33 -0.50
C GLY A 26 9.36 -4.40 0.78
N TYR A 27 8.49 -5.39 0.87
CA TYR A 27 7.66 -5.61 2.07
C TYR A 27 7.77 -7.05 2.53
N VAL A 28 7.75 -7.22 3.85
CA VAL A 28 7.37 -8.50 4.46
C VAL A 28 6.03 -8.24 5.12
N ASP A 29 4.99 -8.96 4.69
CA ASP A 29 3.63 -8.69 5.14
C ASP A 29 3.28 -7.20 4.94
N ASP A 30 2.82 -6.50 5.98
CA ASP A 30 2.49 -5.09 5.89
C ASP A 30 3.61 -4.13 6.33
N THR A 31 4.82 -4.65 6.36
CA THR A 31 5.98 -3.88 6.83
C THR A 31 6.98 -3.65 5.70
N GLN A 32 7.19 -2.39 5.30
CA GLN A 32 8.21 -2.06 4.31
CA GLN A 32 8.21 -2.09 4.31
C GLN A 32 9.58 -2.27 4.95
N PHE A 33 10.51 -2.87 4.21
CA PHE A 33 11.86 -3.08 4.75
C PHE A 33 13.02 -2.55 3.92
N VAL A 34 12.79 -2.28 2.63
CA VAL A 34 13.83 -1.66 1.79
C VAL A 34 13.20 -0.74 0.75
N ARG A 35 14.00 0.19 0.24
N ARG A 35 14.00 0.18 0.22
CA ARG A 35 13.58 1.07 -0.86
CA ARG A 35 13.58 0.99 -0.90
C ARG A 35 14.74 1.43 -1.78
C ARG A 35 14.76 1.34 -1.82
N PHE A 36 14.41 1.72 -3.04
CA PHE A 36 15.36 2.33 -3.97
C PHE A 36 14.59 3.42 -4.73
N ASP A 37 15.17 4.62 -4.80
CA ASP A 37 14.58 5.70 -5.55
C ASP A 37 15.66 6.25 -6.46
N SER A 38 15.47 6.12 -7.78
CA SER A 38 16.46 6.57 -8.77
C SER A 38 16.85 8.04 -8.60
N ASP A 39 15.98 8.83 -8.00
CA ASP A 39 16.22 10.27 -7.80
C ASP A 39 16.77 10.61 -6.40
N ALA A 40 17.01 9.60 -5.59
CA ALA A 40 17.62 9.81 -4.27
C ALA A 40 19.13 9.90 -4.43
N ALA A 41 19.80 10.48 -3.44
CA ALA A 41 21.24 10.71 -3.52
C ALA A 41 22.09 9.45 -3.44
N SER A 42 21.64 8.48 -2.65
CA SER A 42 22.49 7.35 -2.30
C SER A 42 22.80 6.41 -3.47
N GLN A 43 21.85 6.25 -4.39
CA GLN A 43 21.97 5.29 -5.49
C GLN A 43 22.22 3.87 -4.99
N ARG A 44 21.69 3.60 -3.79
CA ARG A 44 21.79 2.29 -3.14
C ARG A 44 20.41 1.81 -2.73
N MET A 45 20.24 0.49 -2.66
CA MET A 45 19.11 -0.07 -1.93
C MET A 45 19.28 0.36 -0.46
N GLU A 46 18.23 0.96 0.11
CA GLU A 46 18.28 1.47 1.49
C GLU A 46 17.38 0.69 2.44
N PRO A 47 17.82 0.53 3.71
CA PRO A 47 16.99 -0.10 4.75
C PRO A 47 15.82 0.79 5.20
N ARG A 48 14.66 0.18 5.46
N ARG A 48 14.67 0.19 5.46
CA ARG A 48 13.49 0.92 5.94
CA ARG A 48 13.49 0.93 5.97
C ARG A 48 12.84 0.24 7.16
C ARG A 48 12.86 0.28 7.20
N ALA A 49 13.53 -0.74 7.73
CA ALA A 49 13.10 -1.44 8.94
C ALA A 49 14.36 -1.79 9.73
N PRO A 50 14.33 -1.59 11.08
CA PRO A 50 15.52 -1.89 11.88
C PRO A 50 16.13 -3.29 11.65
N TRP A 51 15.29 -4.31 11.50
CA TRP A 51 15.78 -5.69 11.41
C TRP A 51 16.53 -6.05 10.14
N ILE A 52 16.40 -5.27 9.07
CA ILE A 52 17.18 -5.54 7.85
C ILE A 52 18.61 -4.96 7.93
N GLU A 53 18.82 -4.02 8.85
CA GLU A 53 20.13 -3.37 9.00
C GLU A 53 21.19 -4.35 9.50
N GLN A 54 20.74 -5.47 10.08
CA GLN A 54 21.60 -6.58 10.48
C GLN A 54 22.43 -7.12 9.30
N GLU A 55 21.86 -7.02 8.09
CA GLU A 55 22.51 -7.57 6.90
C GLU A 55 23.80 -6.82 6.56
N GLY A 56 24.81 -7.57 6.15
CA GLY A 56 26.14 -7.00 5.90
C GLY A 56 26.35 -6.39 4.52
N PRO A 57 27.54 -5.82 4.28
CA PRO A 57 27.83 -5.05 3.07
C PRO A 57 27.64 -5.86 1.79
N GLU A 58 27.86 -7.16 1.84
CA GLU A 58 27.72 -8.03 0.69
C GLU A 58 26.26 -8.09 0.23
N TYR A 59 25.35 -8.13 1.21
CA TYR A 59 23.92 -8.11 0.94
C TYR A 59 23.57 -6.82 0.21
N TRP A 60 23.92 -5.69 0.82
CA TRP A 60 23.58 -4.37 0.30
C TRP A 60 24.19 -4.10 -1.06
N ASP A 61 25.43 -4.53 -1.28
CA ASP A 61 26.06 -4.42 -2.61
C ASP A 61 25.29 -5.22 -3.66
N GLY A 62 24.89 -6.44 -3.29
CA GLY A 62 24.15 -7.32 -4.20
C GLY A 62 22.77 -6.78 -4.54
N GLU A 63 22.03 -6.32 -3.53
CA GLU A 63 20.69 -5.76 -3.75
C GLU A 63 20.72 -4.47 -4.57
N THR A 64 21.74 -3.64 -4.34
CA THR A 64 21.96 -2.43 -5.15
C THR A 64 22.24 -2.79 -6.61
N ARG A 65 23.16 -3.72 -6.84
CA ARG A 65 23.49 -4.14 -8.20
C ARG A 65 22.22 -4.66 -8.93
N LYS A 66 21.50 -5.55 -8.24
CA LYS A 66 20.25 -6.10 -8.80
C LYS A 66 19.18 -5.02 -9.04
N VAL A 67 18.99 -4.10 -8.09
CA VAL A 67 17.91 -3.12 -8.22
C VAL A 67 18.23 -2.11 -9.32
N LYS A 68 19.51 -1.78 -9.49
CA LYS A 68 19.94 -0.93 -10.60
C LYS A 68 19.69 -1.61 -11.95
N ALA A 69 19.95 -2.92 -12.01
CA ALA A 69 19.69 -3.70 -13.23
C ALA A 69 18.18 -3.78 -13.52
N HIS A 70 17.39 -3.95 -12.45
CA HIS A 70 15.93 -3.88 -12.54
C HIS A 70 15.50 -2.55 -13.18
N SER A 71 16.10 -1.46 -12.71
CA SER A 71 15.78 -0.11 -13.20
CA SER A 71 15.77 -0.12 -13.20
C SER A 71 16.03 0.01 -14.69
N GLN A 72 17.18 -0.51 -15.14
CA GLN A 72 17.52 -0.45 -16.56
C GLN A 72 16.59 -1.33 -17.39
N THR A 73 16.22 -2.51 -16.87
CA THR A 73 15.22 -3.35 -17.54
C THR A 73 13.89 -2.60 -17.77
N HIS A 74 13.38 -1.91 -16.74
CA HIS A 74 12.13 -1.15 -16.86
CA HIS A 74 12.12 -1.20 -16.90
C HIS A 74 12.25 0.00 -17.86
N ARG A 75 13.43 0.62 -17.89
CA ARG A 75 13.71 1.68 -18.87
C ARG A 75 13.54 1.16 -20.30
N VAL A 76 14.17 0.01 -20.58
CA VAL A 76 14.08 -0.65 -21.88
CA VAL A 76 14.05 -0.56 -21.91
C VAL A 76 12.62 -1.03 -22.19
N ASP A 77 11.93 -1.56 -21.18
CA ASP A 77 10.52 -1.97 -21.34
C ASP A 77 9.61 -0.80 -21.78
N LEU A 78 9.80 0.36 -21.17
CA LEU A 78 9.05 1.56 -21.59
C LEU A 78 9.22 1.85 -23.08
N GLY A 79 10.44 1.71 -23.58
CA GLY A 79 10.67 1.86 -25.03
C GLY A 79 10.01 0.75 -25.84
N THR A 80 10.17 -0.48 -25.36
CA THR A 80 9.60 -1.65 -26.05
C THR A 80 8.10 -1.52 -26.21
N LEU A 81 7.45 -1.11 -25.12
CA LEU A 81 5.98 -1.04 -25.05
C LEU A 81 5.42 0.14 -25.87
N ARG A 82 6.14 1.26 -25.86
CA ARG A 82 5.78 2.38 -26.72
C ARG A 82 5.72 1.95 -28.20
N GLY A 83 6.69 1.13 -28.61
CA GLY A 83 6.72 0.51 -29.93
C GLY A 83 5.56 -0.43 -30.19
N TYR A 84 5.34 -1.38 -29.27
CA TYR A 84 4.25 -2.37 -29.41
C TYR A 84 2.88 -1.71 -29.56
N TYR A 85 2.66 -0.62 -28.81
CA TYR A 85 1.38 0.09 -28.82
C TYR A 85 1.36 1.27 -29.79
N ASN A 86 2.42 1.39 -30.60
CA ASN A 86 2.55 2.45 -31.61
CA ASN A 86 2.53 2.44 -31.62
C ASN A 86 2.26 3.84 -31.05
N GLN A 87 2.90 4.15 -29.91
CA GLN A 87 2.74 5.45 -29.26
C GLN A 87 3.90 6.36 -29.59
N SER A 88 3.72 7.66 -29.39
CA SER A 88 4.77 8.62 -29.69
C SER A 88 5.72 8.76 -28.51
N GLU A 89 6.87 9.39 -28.76
CA GLU A 89 7.89 9.59 -27.74
CA GLU A 89 7.90 9.62 -27.75
C GLU A 89 7.53 10.74 -26.79
N ALA A 90 6.44 11.45 -27.11
CA ALA A 90 6.03 12.65 -26.40
C ALA A 90 5.37 12.48 -25.02
N GLY A 91 4.57 11.43 -24.85
CA GLY A 91 3.77 11.27 -23.63
C GLY A 91 4.50 10.44 -22.58
N SER A 92 4.16 10.67 -21.31
CA SER A 92 4.69 9.89 -20.18
C SER A 92 3.89 8.60 -20.02
N HIS A 93 4.59 7.50 -19.77
CA HIS A 93 3.92 6.22 -19.57
C HIS A 93 4.50 5.55 -18.33
N THR A 94 3.82 4.50 -17.85
CA THR A 94 4.17 3.86 -16.59
C THR A 94 4.26 2.36 -16.78
N VAL A 95 5.28 1.75 -16.19
CA VAL A 95 5.29 0.30 -16.04
C VAL A 95 5.32 -0.05 -14.56
N GLN A 96 4.59 -1.10 -14.18
CA GLN A 96 4.64 -1.62 -12.83
C GLN A 96 4.86 -3.12 -12.88
N ARG A 97 5.65 -3.62 -11.91
CA ARG A 97 5.90 -5.05 -11.72
C ARG A 97 5.78 -5.32 -10.23
N MET A 98 5.16 -6.45 -9.88
CA MET A 98 5.13 -6.97 -8.53
C MET A 98 5.49 -8.43 -8.61
N TYR A 99 6.34 -8.89 -7.67
CA TYR A 99 6.61 -10.32 -7.52
C TYR A 99 6.89 -10.69 -6.06
N GLY A 100 6.85 -11.98 -5.75
CA GLY A 100 7.11 -12.42 -4.38
C GLY A 100 6.43 -13.73 -4.06
N CYS A 101 6.48 -14.12 -2.79
CA CYS A 101 6.03 -15.45 -2.41
C CYS A 101 5.31 -15.40 -1.08
N ASP A 102 4.48 -16.42 -0.85
CA ASP A 102 3.79 -16.61 0.43
C ASP A 102 4.24 -17.95 1.00
N VAL A 103 4.41 -18.00 2.32
CA VAL A 103 4.52 -19.27 3.04
C VAL A 103 3.25 -19.48 3.85
N GLY A 104 2.84 -20.75 3.95
CA GLY A 104 1.58 -21.08 4.60
C GLY A 104 1.76 -21.30 6.08
N SER A 105 0.72 -21.86 6.69
CA SER A 105 0.68 -22.12 8.12
C SER A 105 1.74 -23.14 8.55
N ASP A 106 2.14 -24.01 7.62
CA ASP A 106 3.19 -25.00 7.86
C ASP A 106 4.60 -24.44 7.60
N TRP A 107 4.67 -23.16 7.26
CA TRP A 107 5.95 -22.44 7.02
C TRP A 107 6.68 -22.84 5.73
N ARG A 108 5.96 -23.52 4.85
CA ARG A 108 6.54 -23.92 3.57
CA ARG A 108 6.51 -23.95 3.57
C ARG A 108 5.91 -23.10 2.45
N PHE A 109 6.53 -23.13 1.28
CA PHE A 109 5.99 -22.46 0.09
C PHE A 109 4.49 -22.69 -0.08
N LEU A 110 3.76 -21.60 -0.32
CA LEU A 110 2.32 -21.69 -0.57
C LEU A 110 1.97 -21.20 -1.98
N ARG A 111 2.46 -20.01 -2.34
CA ARG A 111 2.12 -19.36 -3.61
CA ARG A 111 2.13 -19.40 -3.63
CA ARG A 111 2.12 -19.39 -3.62
C ARG A 111 3.23 -18.43 -4.07
N GLY A 112 3.37 -18.28 -5.40
CA GLY A 112 4.33 -17.33 -5.97
C GLY A 112 3.63 -16.40 -6.95
N TYR A 113 4.19 -15.21 -7.14
CA TYR A 113 3.60 -14.23 -8.06
C TYR A 113 4.67 -13.53 -8.87
N HIS A 114 4.32 -13.17 -10.10
CA HIS A 114 5.13 -12.28 -10.93
C HIS A 114 4.21 -11.68 -11.98
N GLN A 115 3.86 -10.42 -11.80
CA GLN A 115 2.94 -9.77 -12.72
C GLN A 115 3.35 -8.34 -13.11
N TYR A 116 2.81 -7.91 -14.24
CA TYR A 116 3.26 -6.71 -14.93
C TYR A 116 2.06 -5.93 -15.44
N ALA A 117 2.17 -4.60 -15.39
CA ALA A 117 1.14 -3.71 -15.94
C ALA A 117 1.77 -2.57 -16.71
N TYR A 118 1.09 -2.14 -17.76
CA TYR A 118 1.48 -0.98 -18.54
C TYR A 118 0.36 0.04 -18.48
N ASP A 119 0.71 1.29 -18.15
CA ASP A 119 -0.27 2.36 -17.92
C ASP A 119 -1.48 1.93 -17.05
N GLY A 120 -1.20 1.17 -16.01
CA GLY A 120 -2.22 0.79 -15.01
C GLY A 120 -3.16 -0.34 -15.39
N LYS A 121 -2.92 -0.97 -16.54
CA LYS A 121 -3.74 -2.10 -16.95
C LYS A 121 -2.89 -3.37 -17.01
N ASP A 122 -3.53 -4.52 -16.68
CA ASP A 122 -2.88 -5.83 -16.76
C ASP A 122 -2.16 -5.99 -18.10
N TYR A 123 -0.89 -6.41 -18.03
CA TYR A 123 -0.14 -6.72 -19.24
C TYR A 123 0.11 -8.23 -19.34
N ILE A 124 0.99 -8.75 -18.49
CA ILE A 124 1.28 -10.19 -18.44
C ILE A 124 1.49 -10.62 -16.98
N ALA A 125 1.04 -11.83 -16.65
CA ALA A 125 1.15 -12.35 -15.29
C ALA A 125 1.45 -13.83 -15.31
N LEU A 126 2.34 -14.25 -14.41
CA LEU A 126 2.63 -15.67 -14.20
C LEU A 126 1.43 -16.30 -13.56
N LYS A 127 0.98 -17.44 -14.12
CA LYS A 127 -0.16 -18.16 -13.55
C LYS A 127 0.23 -18.81 -12.23
N GLU A 128 -0.77 -19.28 -11.47
CA GLU A 128 -0.54 -19.88 -10.14
C GLU A 128 0.37 -21.10 -10.17
N ASP A 129 0.22 -21.93 -11.20
CA ASP A 129 1.09 -23.09 -11.39
C ASP A 129 2.55 -22.74 -11.63
N LEU A 130 2.82 -21.46 -11.87
CA LEU A 130 4.18 -20.95 -12.11
C LEU A 130 4.82 -21.54 -13.36
N ARG A 131 3.98 -21.95 -14.32
CA ARG A 131 4.44 -22.62 -15.52
C ARG A 131 3.98 -21.96 -16.81
N SER A 132 2.92 -21.17 -16.72
CA SER A 132 2.34 -20.54 -17.91
C SER A 132 2.00 -19.08 -17.62
N TRP A 133 1.62 -18.37 -18.68
CA TRP A 133 1.44 -16.92 -18.64
C TRP A 133 0.05 -16.52 -19.10
N THR A 134 -0.47 -15.47 -18.47
CA THR A 134 -1.72 -14.83 -18.85
C THR A 134 -1.38 -13.50 -19.52
N ALA A 135 -1.62 -13.42 -20.82
CA ALA A 135 -1.32 -12.23 -21.60
C ALA A 135 -2.63 -11.57 -21.97
N ALA A 136 -2.76 -10.29 -21.65
CA ALA A 136 -4.03 -9.58 -21.80
C ALA A 136 -4.39 -9.24 -23.26
N ASP A 137 -3.39 -8.97 -24.09
CA ASP A 137 -3.64 -8.56 -25.47
C ASP A 137 -2.52 -9.06 -26.38
N MET A 138 -2.51 -8.60 -27.64
CA MET A 138 -1.56 -9.13 -28.60
C MET A 138 -0.13 -8.61 -28.40
N ALA A 139 0.01 -7.45 -27.75
CA ALA A 139 1.33 -6.98 -27.35
C ALA A 139 1.93 -7.96 -26.31
N ALA A 140 1.15 -8.24 -25.28
CA ALA A 140 1.57 -9.15 -24.23
C ALA A 140 1.81 -10.56 -24.78
N GLN A 141 1.11 -10.90 -25.86
CA GLN A 141 1.28 -12.21 -26.51
CA GLN A 141 1.28 -12.21 -26.50
C GLN A 141 2.69 -12.33 -27.07
N THR A 142 3.21 -11.23 -27.60
CA THR A 142 4.57 -11.16 -28.13
C THR A 142 5.55 -11.42 -26.99
N THR A 143 5.34 -10.75 -25.85
CA THR A 143 6.16 -10.98 -24.67
C THR A 143 6.08 -12.43 -24.21
N LYS A 144 4.86 -12.98 -24.19
CA LYS A 144 4.65 -14.37 -23.81
C LYS A 144 5.52 -15.31 -24.67
N HIS A 145 5.51 -15.10 -25.99
CA HIS A 145 6.30 -15.93 -26.91
C HIS A 145 7.79 -15.85 -26.60
N LYS A 146 8.26 -14.62 -26.35
CA LYS A 146 9.66 -14.36 -26.00
C LYS A 146 10.00 -15.10 -24.70
N TRP A 147 9.15 -14.94 -23.70
CA TRP A 147 9.39 -15.49 -22.36
C TRP A 147 9.32 -17.02 -22.32
N GLU A 148 8.45 -17.60 -23.13
CA GLU A 148 8.35 -19.05 -23.22
C GLU A 148 9.62 -19.62 -23.85
N ALA A 149 10.07 -18.98 -24.92
CA ALA A 149 11.29 -19.40 -25.62
C ALA A 149 12.50 -19.36 -24.68
N ALA A 150 12.54 -18.35 -23.82
CA ALA A 150 13.68 -18.14 -22.93
C ALA A 150 13.52 -18.83 -21.57
N HIS A 151 12.42 -19.57 -21.41
CA HIS A 151 12.13 -20.32 -20.18
C HIS A 151 12.16 -19.44 -18.93
N VAL A 152 11.52 -18.28 -19.03
CA VAL A 152 11.48 -17.32 -17.92
C VAL A 152 10.68 -17.85 -16.73
N ALA A 153 9.59 -18.54 -17.02
CA ALA A 153 8.74 -19.15 -15.98
C ALA A 153 9.55 -20.11 -15.10
N GLU A 154 10.38 -20.94 -15.75
CA GLU A 154 11.24 -21.88 -15.01
C GLU A 154 12.20 -21.17 -14.06
N GLN A 155 12.83 -20.09 -14.52
CA GLN A 155 13.76 -19.30 -13.71
C GLN A 155 13.05 -18.68 -12.52
N LEU A 156 11.85 -18.17 -12.78
CA LEU A 156 11.02 -17.55 -11.73
C LEU A 156 10.52 -18.56 -10.71
N ARG A 157 10.05 -19.72 -11.18
CA ARG A 157 9.58 -20.77 -10.28
CA ARG A 157 9.59 -20.80 -10.31
C ARG A 157 10.69 -21.18 -9.31
N ALA A 158 11.91 -21.31 -9.82
CA ALA A 158 13.08 -21.66 -9.00
C ALA A 158 13.37 -20.62 -7.91
N TYR A 159 13.27 -19.34 -8.28
CA TYR A 159 13.41 -18.25 -7.31
C TYR A 159 12.25 -18.24 -6.32
N LEU A 160 11.02 -18.35 -6.83
CA LEU A 160 9.83 -18.19 -6.00
C LEU A 160 9.69 -19.30 -4.94
N GLU A 161 10.00 -20.54 -5.35
CA GLU A 161 9.95 -21.69 -4.43
C GLU A 161 11.24 -21.87 -3.63
N GLY A 162 12.31 -21.20 -4.05
CA GLY A 162 13.63 -21.38 -3.43
C GLY A 162 14.10 -20.18 -2.64
N THR A 163 14.92 -19.34 -3.28
CA THR A 163 15.46 -18.13 -2.66
C THR A 163 14.40 -17.25 -1.99
N CYS A 164 13.28 -17.01 -2.67
CA CYS A 164 12.24 -16.14 -2.13
C CYS A 164 11.76 -16.61 -0.75
N VAL A 165 11.39 -17.88 -0.66
CA VAL A 165 10.90 -18.48 0.58
CA VAL A 165 10.89 -18.40 0.61
C VAL A 165 11.98 -18.51 1.68
N GLU A 166 13.18 -18.92 1.27
CA GLU A 166 14.32 -19.01 2.18
CA GLU A 166 14.33 -19.01 2.18
C GLU A 166 14.62 -17.67 2.84
N TRP A 167 14.67 -16.60 2.04
CA TRP A 167 14.96 -15.28 2.58
C TRP A 167 13.79 -14.70 3.35
N LEU A 168 12.57 -15.02 2.92
CA LEU A 168 11.37 -14.66 3.70
C LEU A 168 11.46 -15.22 5.12
N ARG A 169 11.75 -16.51 5.24
CA ARG A 169 11.97 -17.15 6.54
C ARG A 169 13.09 -16.46 7.34
N ARG A 170 14.21 -16.14 6.67
CA ARG A 170 15.33 -15.44 7.31
C ARG A 170 14.88 -14.09 7.89
N TYR A 171 14.21 -13.30 7.07
CA TYR A 171 13.67 -12.01 7.51
C TYR A 171 12.70 -12.17 8.68
N LEU A 172 11.84 -13.20 8.62
CA LEU A 172 10.84 -13.43 9.67
C LEU A 172 11.47 -13.75 11.02
N GLU A 173 12.58 -14.49 10.99
CA GLU A 173 13.35 -14.75 12.20
C GLU A 173 14.03 -13.48 12.71
N ASN A 174 14.82 -12.84 11.85
CA ASN A 174 15.55 -11.63 12.25
C ASN A 174 14.67 -10.49 12.76
N GLY A 175 13.49 -10.34 12.17
CA GLY A 175 12.55 -9.33 12.61
C GLY A 175 11.42 -9.84 13.48
N LYS A 176 11.62 -11.01 14.10
CA LYS A 176 10.52 -11.69 14.80
C LYS A 176 9.81 -10.86 15.87
N GLU A 177 10.55 -9.97 16.54
CA GLU A 177 9.98 -9.17 17.63
C GLU A 177 8.81 -8.31 17.17
N THR A 178 8.81 -7.94 15.88
CA THR A 178 7.71 -7.17 15.30
C THR A 178 6.94 -7.96 14.22
N LEU A 179 7.67 -8.56 13.27
CA LEU A 179 7.05 -9.33 12.18
C LEU A 179 6.17 -10.50 12.64
N GLN A 180 6.55 -11.15 13.74
CA GLN A 180 5.77 -12.27 14.26
C GLN A 180 4.96 -11.89 15.51
N ARG A 181 4.77 -10.59 15.69
CA ARG A 181 3.92 -10.05 16.76
C ARG A 181 2.63 -9.52 16.14
N THR A 182 1.49 -9.86 16.73
CA THR A 182 0.23 -9.26 16.31
C THR A 182 -0.13 -8.16 17.30
N ASP A 183 -0.62 -7.04 16.79
CA ASP A 183 -1.11 -5.96 17.62
C ASP A 183 -2.62 -5.93 17.49
N ALA A 184 -3.31 -6.33 18.54
CA ALA A 184 -4.78 -6.35 18.54
C ALA A 184 -5.31 -4.92 18.44
N PRO A 185 -6.43 -4.71 17.72
CA PRO A 185 -7.02 -3.39 17.66
C PRO A 185 -7.43 -2.88 19.04
N LYS A 186 -7.11 -1.63 19.32
CA LYS A 186 -7.64 -0.90 20.46
C LYS A 186 -8.99 -0.34 20.01
N THR A 187 -10.07 -0.80 20.64
CA THR A 187 -11.42 -0.46 20.17
C THR A 187 -12.20 0.44 21.13
N HIS A 188 -13.03 1.31 20.57
CA HIS A 188 -13.97 2.10 21.38
C HIS A 188 -15.09 2.59 20.49
N MET A 189 -16.14 3.10 21.12
CA MET A 189 -17.30 3.60 20.41
C MET A 189 -17.58 5.04 20.82
N THR A 190 -17.96 5.85 19.84
CA THR A 190 -18.40 7.23 20.07
C THR A 190 -19.87 7.41 19.66
N HIS A 191 -20.49 8.43 20.24
CA HIS A 191 -21.91 8.72 20.04
CA HIS A 191 -21.92 8.73 20.06
C HIS A 191 -22.07 10.19 19.65
N HIS A 192 -22.87 10.44 18.61
CA HIS A 192 -23.13 11.82 18.16
C HIS A 192 -24.58 12.00 17.71
N ALA A 193 -25.27 13.00 18.24
CA ALA A 193 -26.62 13.31 17.76
C ALA A 193 -26.56 13.98 16.39
N VAL A 194 -27.40 13.52 15.47
CA VAL A 194 -27.54 14.18 14.15
C VAL A 194 -28.86 14.96 14.02
N SER A 195 -29.77 14.70 14.97
CA SER A 195 -31.07 15.35 15.09
C SER A 195 -31.52 15.02 16.52
N ASP A 196 -32.68 15.49 16.95
CA ASP A 196 -33.12 15.08 18.30
C ASP A 196 -33.75 13.69 18.33
N HIS A 197 -33.84 13.05 17.16
CA HIS A 197 -34.42 11.70 17.08
C HIS A 197 -33.45 10.64 16.53
N GLU A 198 -32.27 11.08 16.07
CA GLU A 198 -31.25 10.15 15.53
C GLU A 198 -29.85 10.39 16.08
N ALA A 199 -29.07 9.31 16.15
CA ALA A 199 -27.67 9.39 16.58
C ALA A 199 -26.76 8.56 15.68
N THR A 200 -25.48 8.93 15.62
CA THR A 200 -24.46 8.12 14.96
C THR A 200 -23.62 7.42 16.02
N LEU A 201 -23.48 6.10 15.88
CA LEU A 201 -22.53 5.32 16.67
C LEU A 201 -21.33 5.04 15.78
N ARG A 202 -20.14 5.40 16.24
CA ARG A 202 -18.93 5.08 15.49
C ARG A 202 -18.06 4.09 16.27
N CYS A 203 -17.73 2.99 15.62
CA CYS A 203 -16.92 1.94 16.23
C CYS A 203 -15.52 2.01 15.65
N TRP A 204 -14.54 2.30 16.52
CA TRP A 204 -13.15 2.54 16.13
C TRP A 204 -12.25 1.34 16.42
N ALA A 205 -11.34 1.07 15.49
CA ALA A 205 -10.26 0.09 15.70
C ALA A 205 -8.93 0.79 15.41
N LEU A 206 -8.07 0.88 16.43
CA LEU A 206 -6.85 1.66 16.30
C LEU A 206 -5.61 0.86 16.61
N SER A 207 -4.48 1.27 16.02
CA SER A 207 -3.16 0.75 16.38
C SER A 207 -2.99 -0.77 16.19
N PHE A 208 -3.56 -1.32 15.11
CA PHE A 208 -3.53 -2.75 14.89
C PHE A 208 -2.54 -3.19 13.78
N TYR A 209 -2.09 -4.43 13.87
CA TYR A 209 -1.17 -5.03 12.91
C TYR A 209 -1.34 -6.55 12.94
N PRO A 210 -1.44 -7.20 11.76
CA PRO A 210 -1.43 -6.65 10.39
C PRO A 210 -2.69 -5.89 9.99
N ALA A 211 -2.72 -5.39 8.75
CA ALA A 211 -3.77 -4.47 8.31
C ALA A 211 -5.14 -5.16 8.16
N GLU A 212 -5.12 -6.47 7.87
CA GLU A 212 -6.36 -7.23 7.69
C GLU A 212 -7.28 -7.17 8.93
N ILE A 213 -8.52 -6.78 8.71
CA ILE A 213 -9.51 -6.64 9.80
C ILE A 213 -10.94 -6.65 9.24
N THR A 214 -11.89 -7.06 10.07
CA THR A 214 -13.30 -6.93 9.71
C THR A 214 -14.04 -6.24 10.85
N LEU A 215 -14.78 -5.18 10.52
CA LEU A 215 -15.64 -4.46 11.45
C LEU A 215 -17.04 -4.49 10.88
N THR A 216 -17.99 -4.94 11.70
CA THR A 216 -19.37 -5.04 11.25
C THR A 216 -20.33 -4.61 12.35
N TRP A 217 -21.52 -4.17 11.92
CA TRP A 217 -22.58 -3.86 12.85
C TRP A 217 -23.64 -4.94 12.82
N GLN A 218 -24.23 -5.18 13.98
CA GLN A 218 -25.43 -5.99 14.09
C GLN A 218 -26.53 -5.20 14.82
N ARG A 219 -27.78 -5.51 14.47
CA ARG A 219 -28.94 -4.96 15.17
C ARG A 219 -29.73 -6.16 15.64
N ASP A 220 -29.93 -6.25 16.96
CA ASP A 220 -30.61 -7.38 17.58
C ASP A 220 -30.04 -8.75 17.13
N GLY A 221 -28.72 -8.79 16.94
CA GLY A 221 -28.02 -10.03 16.61
C GLY A 221 -28.02 -10.41 15.15
N GLU A 222 -28.49 -9.50 14.30
CA GLU A 222 -28.44 -9.72 12.87
CA GLU A 222 -28.52 -9.70 12.85
C GLU A 222 -27.67 -8.61 12.17
N ASP A 223 -26.90 -9.01 11.16
CA ASP A 223 -26.03 -8.08 10.43
C ASP A 223 -26.81 -6.89 9.88
N GLN A 224 -26.21 -5.72 10.04
CA GLN A 224 -26.81 -4.47 9.63
C GLN A 224 -25.84 -3.77 8.69
N THR A 225 -26.26 -3.57 7.45
CA THR A 225 -25.45 -2.84 6.48
C THR A 225 -26.11 -1.53 6.06
N GLN A 226 -27.45 -1.49 6.06
CA GLN A 226 -28.16 -0.23 5.80
C GLN A 226 -27.84 0.84 6.83
N ASP A 227 -27.74 2.08 6.36
CA ASP A 227 -27.43 3.25 7.21
C ASP A 227 -26.07 3.12 7.90
N THR A 228 -25.16 2.39 7.27
CA THR A 228 -23.79 2.30 7.78
C THR A 228 -22.80 2.97 6.84
N GLU A 229 -21.63 3.31 7.37
CA GLU A 229 -20.52 3.83 6.60
C GLU A 229 -19.23 3.18 7.13
N LEU A 230 -18.34 2.75 6.22
CA LEU A 230 -17.10 2.03 6.58
C LEU A 230 -15.91 2.59 5.81
N VAL A 231 -14.98 3.26 6.51
CA VAL A 231 -13.78 3.84 5.85
C VAL A 231 -12.79 2.77 5.47
N GLU A 232 -11.99 3.05 4.45
CA GLU A 232 -10.93 2.14 4.09
C GLU A 232 -9.87 2.14 5.17
N THR A 233 -9.30 0.96 5.43
CA THR A 233 -8.20 0.79 6.36
C THR A 233 -7.03 1.70 5.94
N ARG A 234 -6.50 2.45 6.92
CA ARG A 234 -5.50 3.48 6.66
C ARG A 234 -4.31 3.33 7.60
N PRO A 235 -3.11 3.68 7.12
CA PRO A 235 -1.91 3.63 7.97
C PRO A 235 -1.87 4.74 9.04
N ALA A 236 -1.53 4.36 10.27
CA ALA A 236 -1.34 5.34 11.32
C ALA A 236 -0.04 6.15 11.11
N GLY A 237 0.96 5.53 10.48
CA GLY A 237 2.24 6.18 10.24
C GLY A 237 3.37 5.66 11.11
N ASP A 238 3.00 4.84 12.10
CA ASP A 238 3.96 4.21 13.01
C ASP A 238 4.01 2.69 12.80
N GLY A 239 3.51 2.23 11.65
CA GLY A 239 3.54 0.82 11.31
C GLY A 239 2.22 0.11 11.53
N THR A 240 1.32 0.75 12.28
CA THR A 240 0.00 0.18 12.57
C THR A 240 -1.08 0.79 11.68
N PHE A 241 -2.29 0.27 11.83
CA PHE A 241 -3.41 0.63 10.96
C PHE A 241 -4.63 1.06 11.76
N GLN A 242 -5.57 1.69 11.07
CA GLN A 242 -6.77 2.23 11.70
C GLN A 242 -7.96 1.98 10.78
N LYS A 243 -9.13 1.88 11.38
CA LYS A 243 -10.39 1.73 10.63
CA LYS A 243 -10.38 1.75 10.63
C LYS A 243 -11.55 2.06 11.55
N TRP A 244 -12.65 2.53 10.97
CA TRP A 244 -13.89 2.67 11.71
C TRP A 244 -15.10 2.33 10.85
N VAL A 245 -16.19 2.00 11.53
CA VAL A 245 -17.48 1.81 10.88
C VAL A 245 -18.52 2.56 11.71
N ALA A 246 -19.50 3.19 11.05
CA ALA A 246 -20.53 3.89 11.79
C ALA A 246 -21.93 3.46 11.34
N VAL A 247 -22.92 3.68 12.20
CA VAL A 247 -24.32 3.39 11.91
C VAL A 247 -25.18 4.52 12.49
N VAL A 248 -26.25 4.88 11.77
CA VAL A 248 -27.24 5.83 12.25
C VAL A 248 -28.39 5.04 12.86
N VAL A 249 -28.78 5.43 14.07
CA VAL A 249 -29.78 4.70 14.84
C VAL A 249 -30.84 5.65 15.44
N PRO A 250 -32.06 5.16 15.67
CA PRO A 250 -33.04 5.95 16.43
C PRO A 250 -32.54 6.26 17.85
N SER A 251 -32.59 7.53 18.25
CA SER A 251 -32.22 7.94 19.60
CA SER A 251 -32.21 7.94 19.59
C SER A 251 -32.93 7.08 20.64
N GLY A 252 -32.17 6.57 21.60
CA GLY A 252 -32.72 5.71 22.64
C GLY A 252 -32.72 4.23 22.33
N GLN A 253 -32.37 3.86 21.09
CA GLN A 253 -32.31 2.46 20.69
C GLN A 253 -30.88 1.95 20.50
N GLU A 254 -29.91 2.68 21.04
CA GLU A 254 -28.48 2.34 20.90
C GLU A 254 -28.13 0.91 21.37
N GLN A 255 -28.85 0.42 22.36
CA GLN A 255 -28.59 -0.90 22.98
C GLN A 255 -28.79 -2.06 22.02
N ARG A 256 -29.59 -1.85 20.98
CA ARG A 256 -29.86 -2.87 19.97
C ARG A 256 -28.65 -3.17 19.11
N TYR A 257 -27.70 -2.23 19.12
CA TYR A 257 -26.63 -2.23 18.12
C TYR A 257 -25.30 -2.64 18.73
N THR A 258 -24.64 -3.58 18.06
CA THR A 258 -23.36 -4.06 18.53
C THR A 258 -22.33 -4.07 17.40
N CYS A 259 -21.10 -3.71 17.73
CA CYS A 259 -20.00 -3.69 16.77
C CYS A 259 -19.14 -4.93 16.98
N HIS A 260 -18.78 -5.57 15.87
CA HIS A 260 -18.08 -6.85 15.89
C HIS A 260 -16.73 -6.74 15.21
N VAL A 261 -15.68 -7.12 15.94
CA VAL A 261 -14.30 -6.92 15.49
C VAL A 261 -13.56 -8.25 15.37
N GLN A 262 -13.09 -8.55 14.15
CA GLN A 262 -12.33 -9.76 13.88
C GLN A 262 -10.93 -9.36 13.43
N HIS A 263 -9.92 -9.89 14.11
CA HIS A 263 -8.51 -9.59 13.81
C HIS A 263 -7.65 -10.76 14.28
N GLU A 264 -6.56 -11.02 13.54
CA GLU A 264 -5.59 -12.06 13.89
C GLU A 264 -5.07 -11.96 15.34
N GLY A 265 -4.98 -10.73 15.85
CA GLY A 265 -4.49 -10.50 17.21
C GLY A 265 -5.51 -10.80 18.30
N LEU A 266 -6.74 -11.11 17.89
CA LEU A 266 -7.83 -11.41 18.83
C LEU A 266 -8.16 -12.90 18.80
N PRO A 267 -7.94 -13.60 19.94
CA PRO A 267 -8.27 -15.02 20.06
C PRO A 267 -9.71 -15.31 19.66
N LYS A 268 -10.65 -14.58 20.26
CA LYS A 268 -12.05 -14.61 19.86
C LYS A 268 -12.45 -13.22 19.37
N PRO A 269 -13.35 -13.14 18.38
CA PRO A 269 -13.87 -11.81 17.98
C PRO A 269 -14.40 -11.00 19.16
N LEU A 270 -14.35 -9.67 19.01
CA LEU A 270 -14.76 -8.74 20.04
C LEU A 270 -16.15 -8.19 19.72
N THR A 271 -16.96 -8.00 20.76
CA THR A 271 -18.26 -7.35 20.64
C THR A 271 -18.29 -6.10 21.51
N LEU A 272 -18.60 -4.96 20.89
CA LEU A 272 -18.69 -3.68 21.61
C LEU A 272 -20.14 -3.20 21.67
N ARG A 273 -20.48 -2.57 22.79
CA ARG A 273 -21.81 -2.02 23.01
CA ARG A 273 -21.82 -2.04 23.02
C ARG A 273 -21.71 -0.60 23.52
N TRP A 274 -22.70 0.23 23.18
CA TRP A 274 -22.72 1.60 23.69
C TRP A 274 -23.30 1.61 25.11
N MET B 1 -5.90 6.07 -22.16
CA MET B 1 -5.18 6.06 -20.86
C MET B 1 -6.17 5.99 -19.70
N ILE B 2 -6.13 4.88 -18.95
CA ILE B 2 -6.93 4.75 -17.72
C ILE B 2 -6.46 5.78 -16.70
N GLN B 3 -7.40 6.56 -16.17
CA GLN B 3 -7.07 7.54 -15.14
C GLN B 3 -8.06 7.45 -13.98
N ARG B 4 -7.50 7.23 -12.80
CA ARG B 4 -8.28 7.01 -11.59
C ARG B 4 -7.99 8.10 -10.58
N THR B 5 -9.05 8.68 -10.03
CA THR B 5 -8.94 9.82 -9.12
C THR B 5 -8.59 9.35 -7.69
N PRO B 6 -7.77 10.14 -6.96
CA PRO B 6 -7.39 9.70 -5.61
C PRO B 6 -8.53 9.77 -4.60
N LYS B 7 -8.65 8.72 -3.79
CA LYS B 7 -9.41 8.79 -2.55
C LYS B 7 -8.55 9.50 -1.51
N ILE B 8 -9.17 10.22 -0.58
CA ILE B 8 -8.43 11.06 0.36
C ILE B 8 -8.99 10.90 1.78
N GLN B 9 -8.10 10.64 2.73
CA GLN B 9 -8.45 10.67 4.15
C GLN B 9 -7.46 11.56 4.89
N VAL B 10 -8.00 12.44 5.74
CA VAL B 10 -7.18 13.30 6.59
C VAL B 10 -7.50 12.96 8.03
N TYR B 11 -6.49 12.66 8.83
CA TYR B 11 -6.70 12.15 10.19
C TYR B 11 -5.41 12.28 11.01
N SER B 12 -5.51 12.08 12.32
CA SER B 12 -4.33 12.07 13.19
C SER B 12 -3.82 10.65 13.49
N ARG B 13 -2.52 10.54 13.75
CA ARG B 13 -1.90 9.27 14.06
C ARG B 13 -2.42 8.73 15.39
N HIS B 14 -2.46 9.63 16.37
CA HIS B 14 -2.85 9.30 17.74
C HIS B 14 -4.16 9.99 18.08
N PRO B 15 -4.87 9.49 19.12
CA PRO B 15 -6.08 10.19 19.57
C PRO B 15 -5.76 11.66 19.79
N ALA B 16 -6.57 12.53 19.19
CA ALA B 16 -6.27 13.95 19.17
C ALA B 16 -6.72 14.61 20.46
N GLU B 17 -5.77 15.28 21.12
CA GLU B 17 -6.07 16.06 22.32
CA GLU B 17 -6.06 16.06 22.33
C GLU B 17 -5.33 17.39 22.25
N ASN B 18 -6.05 18.48 22.52
CA ASN B 18 -5.46 19.80 22.45
C ASN B 18 -4.24 19.95 23.34
N GLY B 19 -3.18 20.52 22.76
CA GLY B 19 -1.93 20.74 23.47
C GLY B 19 -0.98 19.55 23.55
N LYS B 20 -1.33 18.44 22.90
CA LYS B 20 -0.48 17.24 22.93
C LYS B 20 0.06 16.90 21.54
N SER B 21 1.39 16.84 21.43
CA SER B 21 2.04 16.59 20.15
CA SER B 21 2.06 16.57 20.16
C SER B 21 1.49 15.32 19.48
N ASN B 22 1.40 15.38 18.15
CA ASN B 22 0.73 14.33 17.37
C ASN B 22 1.28 14.36 15.92
N PHE B 23 0.71 13.54 15.04
CA PHE B 23 1.00 13.61 13.62
C PHE B 23 -0.28 13.75 12.81
N LEU B 24 -0.25 14.62 11.81
CA LEU B 24 -1.36 14.81 10.90
C LEU B 24 -1.05 14.05 9.63
N ASN B 25 -1.99 13.22 9.20
CA ASN B 25 -1.83 12.35 8.05
C ASN B 25 -2.76 12.75 6.93
N CYS B 26 -2.25 12.68 5.71
CA CYS B 26 -3.12 12.69 4.55
C CYS B 26 -2.83 11.45 3.72
N TYR B 27 -3.81 10.55 3.65
CA TYR B 27 -3.66 9.29 2.97
C TYR B 27 -4.35 9.35 1.61
N VAL B 28 -3.56 9.26 0.54
CA VAL B 28 -4.14 9.27 -0.80
C VAL B 28 -3.98 7.90 -1.45
N SER B 29 -5.04 7.40 -2.05
CA SER B 29 -5.02 6.06 -2.61
C SER B 29 -5.95 5.90 -3.81
N GLY B 30 -5.83 4.76 -4.50
CA GLY B 30 -6.70 4.45 -5.63
C GLY B 30 -6.48 5.26 -6.91
N PHE B 31 -5.33 5.91 -7.04
CA PHE B 31 -5.08 6.80 -8.18
C PHE B 31 -4.10 6.26 -9.23
N HIS B 32 -4.23 6.78 -10.45
CA HIS B 32 -3.33 6.49 -11.56
C HIS B 32 -3.50 7.67 -12.53
N PRO B 33 -2.39 8.18 -13.11
CA PRO B 33 -0.98 7.86 -12.89
C PRO B 33 -0.49 8.33 -11.51
N SER B 34 0.80 8.11 -11.25
CA SER B 34 1.39 8.29 -9.91
C SER B 34 1.71 9.74 -9.55
N ASP B 35 1.89 10.59 -10.55
CA ASP B 35 2.16 12.01 -10.30
CA ASP B 35 2.18 12.00 -10.28
C ASP B 35 0.99 12.64 -9.54
N ILE B 36 1.29 13.26 -8.40
CA ILE B 36 0.27 13.83 -7.53
C ILE B 36 0.90 14.94 -6.67
N GLU B 37 0.08 15.94 -6.33
CA GLU B 37 0.51 17.03 -5.47
C GLU B 37 -0.32 16.99 -4.20
N VAL B 38 0.33 16.85 -3.05
CA VAL B 38 -0.37 16.76 -1.77
C VAL B 38 0.28 17.73 -0.78
N ASP B 39 -0.52 18.68 -0.30
CA ASP B 39 -0.08 19.62 0.72
C ASP B 39 -0.93 19.50 1.97
N LEU B 40 -0.29 19.64 3.13
CA LEU B 40 -1.01 19.78 4.40
C LEU B 40 -1.11 21.26 4.73
N LEU B 41 -2.30 21.71 5.11
CA LEU B 41 -2.55 23.13 5.35
C LEU B 41 -2.87 23.41 6.82
N LYS B 42 -2.24 24.45 7.36
CA LYS B 42 -2.60 24.97 8.68
C LYS B 42 -3.25 26.33 8.48
N ASN B 43 -4.53 26.43 8.81
CA ASN B 43 -5.32 27.65 8.64
C ASN B 43 -5.27 28.22 7.22
N GLY B 44 -5.39 27.33 6.23
CA GLY B 44 -5.32 27.70 4.82
C GLY B 44 -3.92 27.84 4.24
N GLU B 45 -2.90 27.72 5.09
CA GLU B 45 -1.51 27.93 4.67
C GLU B 45 -0.69 26.64 4.61
N ARG B 46 0.04 26.48 3.51
CA ARG B 46 0.86 25.29 3.28
CA ARG B 46 0.87 25.30 3.27
C ARG B 46 1.91 25.09 4.38
N ILE B 47 1.94 23.88 4.92
CA ILE B 47 2.94 23.48 5.93
C ILE B 47 4.21 23.02 5.21
N GLU B 48 5.37 23.48 5.67
CA GLU B 48 6.64 23.26 4.98
C GLU B 48 7.26 21.88 5.21
N LYS B 49 7.38 21.47 6.48
CA LYS B 49 7.94 20.16 6.81
C LYS B 49 6.84 19.09 6.70
N VAL B 50 6.74 18.50 5.52
CA VAL B 50 5.77 17.42 5.29
C VAL B 50 6.53 16.33 4.55
N GLU B 51 6.47 15.12 5.09
CA GLU B 51 7.14 13.99 4.46
C GLU B 51 6.11 13.03 3.87
N HIS B 52 6.57 12.07 3.07
CA HIS B 52 5.66 11.05 2.56
C HIS B 52 6.30 9.67 2.46
N SER B 53 5.45 8.64 2.46
CA SER B 53 5.90 7.28 2.27
C SER B 53 6.42 7.07 0.85
N ASP B 54 7.17 6.00 0.67
CA ASP B 54 7.65 5.59 -0.65
C ASP B 54 6.51 5.04 -1.51
N LEU B 55 6.49 5.43 -2.78
CA LEU B 55 5.42 5.05 -3.69
C LEU B 55 5.27 3.53 -3.79
N SER B 56 4.04 3.07 -3.56
CA SER B 56 3.68 1.68 -3.77
C SER B 56 2.30 1.59 -4.38
N PHE B 57 1.84 0.36 -4.64
CA PHE B 57 0.53 0.16 -5.25
C PHE B 57 -0.16 -1.11 -4.80
N SER B 58 -1.47 -1.12 -5.03
CA SER B 58 -2.33 -2.23 -4.61
CA SER B 58 -2.33 -2.23 -4.62
C SER B 58 -2.47 -3.27 -5.72
N LYS B 59 -3.24 -4.32 -5.43
CA LYS B 59 -3.48 -5.42 -6.37
C LYS B 59 -3.97 -4.94 -7.74
N ASP B 60 -4.87 -3.96 -7.75
CA ASP B 60 -5.42 -3.40 -8.98
C ASP B 60 -4.52 -2.37 -9.66
N TRP B 61 -3.26 -2.30 -9.22
CA TRP B 61 -2.24 -1.39 -9.75
C TRP B 61 -2.38 0.09 -9.36
N SER B 62 -3.42 0.45 -8.60
CA SER B 62 -3.57 1.87 -8.25
C SER B 62 -2.59 2.23 -7.12
N PHE B 63 -2.15 3.48 -7.11
CA PHE B 63 -1.07 3.92 -6.20
C PHE B 63 -1.61 4.40 -4.89
N TYR B 64 -0.78 4.33 -3.84
CA TYR B 64 -1.09 4.98 -2.57
C TYR B 64 0.14 5.60 -1.91
N LEU B 65 -0.10 6.69 -1.18
CA LEU B 65 0.94 7.44 -0.48
C LEU B 65 0.37 8.00 0.83
N LEU B 66 1.20 8.04 1.86
CA LEU B 66 0.86 8.71 3.10
C LEU B 66 1.74 9.96 3.22
N TYR B 67 1.10 11.11 3.36
CA TYR B 67 1.78 12.37 3.64
C TYR B 67 1.53 12.73 5.10
N TYR B 68 2.57 13.19 5.81
CA TYR B 68 2.43 13.38 7.25
C TYR B 68 3.34 14.47 7.79
N THR B 69 2.88 15.12 8.87
CA THR B 69 3.69 16.14 9.53
C THR B 69 3.38 16.14 11.02
N GLU B 70 4.40 16.46 11.81
CA GLU B 70 4.24 16.57 13.25
CA GLU B 70 4.25 16.58 13.26
C GLU B 70 3.45 17.84 13.55
N PHE B 71 2.46 17.72 14.44
CA PHE B 71 1.63 18.87 14.82
C PHE B 71 1.11 18.77 16.26
N THR B 72 0.80 19.93 16.84
CA THR B 72 0.13 19.99 18.13
C THR B 72 -1.23 20.66 17.93
N PRO B 73 -2.31 19.87 18.00
CA PRO B 73 -3.65 20.45 17.81
C PRO B 73 -4.05 21.42 18.91
N THR B 74 -4.75 22.48 18.53
CA THR B 74 -5.31 23.45 19.47
C THR B 74 -6.81 23.57 19.22
N GLU B 75 -7.49 24.38 20.02
CA GLU B 75 -8.89 24.70 19.79
C GLU B 75 -9.08 25.51 18.52
N LYS B 76 -8.17 26.47 18.30
CA LYS B 76 -8.33 27.45 17.23
C LYS B 76 -7.93 26.93 15.84
N ASP B 77 -6.73 26.35 15.75
CA ASP B 77 -6.11 25.99 14.48
C ASP B 77 -6.95 24.99 13.68
N GLU B 78 -7.07 25.25 12.38
CA GLU B 78 -7.78 24.36 11.47
C GLU B 78 -6.79 23.70 10.51
N TYR B 79 -7.00 22.43 10.24
CA TYR B 79 -6.11 21.66 9.36
C TYR B 79 -6.86 21.01 8.22
N ALA B 80 -6.14 20.81 7.11
CA ALA B 80 -6.73 20.22 5.92
C ALA B 80 -5.65 19.65 5.01
N CYS B 81 -6.07 18.85 4.06
CA CYS B 81 -5.17 18.31 3.05
C CYS B 81 -5.63 18.82 1.69
N ARG B 82 -4.68 19.29 0.89
CA ARG B 82 -4.96 19.80 -0.45
C ARG B 82 -4.29 18.93 -1.51
N VAL B 83 -5.12 18.35 -2.39
CA VAL B 83 -4.67 17.35 -3.37
C VAL B 83 -4.95 17.81 -4.81
N ASN B 84 -3.92 17.80 -5.64
CA ASN B 84 -4.10 17.98 -7.08
C ASN B 84 -3.60 16.77 -7.85
N HIS B 85 -4.33 16.41 -8.89
CA HIS B 85 -4.03 15.25 -9.73
C HIS B 85 -4.61 15.56 -11.12
N VAL B 86 -4.08 14.89 -12.14
CA VAL B 86 -4.54 15.11 -13.52
C VAL B 86 -6.06 14.93 -13.69
N THR B 87 -6.65 14.05 -12.89
CA THR B 87 -8.09 13.78 -12.91
C THR B 87 -8.96 14.88 -12.30
N LEU B 88 -8.33 15.81 -11.57
CA LEU B 88 -9.04 16.85 -10.86
C LEU B 88 -8.93 18.19 -11.57
N SER B 89 -10.08 18.85 -11.79
CA SER B 89 -10.14 20.14 -12.47
C SER B 89 -9.42 21.22 -11.68
N GLN B 90 -9.67 21.24 -10.36
CA GLN B 90 -9.00 22.14 -9.43
C GLN B 90 -8.56 21.33 -8.20
N PRO B 91 -7.61 21.87 -7.40
CA PRO B 91 -7.22 21.20 -6.16
C PRO B 91 -8.43 20.84 -5.29
N LYS B 92 -8.38 19.66 -4.67
CA LYS B 92 -9.43 19.21 -3.77
C LYS B 92 -8.95 19.37 -2.33
N ILE B 93 -9.77 20.04 -1.51
CA ILE B 93 -9.44 20.27 -0.10
C ILE B 93 -10.35 19.44 0.79
N VAL B 94 -9.74 18.69 1.71
CA VAL B 94 -10.46 17.86 2.67
C VAL B 94 -10.04 18.31 4.06
N LYS B 95 -11.01 18.74 4.87
CA LYS B 95 -10.73 19.28 6.19
C LYS B 95 -10.55 18.17 7.21
N TRP B 96 -9.59 18.36 8.12
CA TRP B 96 -9.42 17.43 9.23
C TRP B 96 -10.58 17.53 10.21
N ASP B 97 -11.31 16.43 10.37
CA ASP B 97 -12.39 16.33 11.34
C ASP B 97 -11.93 15.36 12.42
N ARG B 98 -11.89 15.85 13.66
CA ARG B 98 -11.40 15.08 14.80
C ARG B 98 -12.18 13.77 15.02
N ASP B 99 -13.43 13.75 14.59
CA ASP B 99 -14.33 12.62 14.84
C ASP B 99 -14.20 11.49 13.81
N MET B 100 -13.27 11.65 12.87
CA MET B 100 -13.23 10.77 11.71
C MET B 100 -11.82 10.31 11.29
N ASN C 1 15.25 -10.38 -0.66
CA ASN C 1 16.31 -10.73 -1.66
C ASN C 1 15.73 -10.74 -3.07
N LEU C 2 16.11 -9.72 -3.85
CA LEU C 2 15.58 -9.54 -5.22
C LEU C 2 15.93 -10.69 -6.14
N VAL C 3 15.09 -10.92 -7.14
CA VAL C 3 15.39 -11.93 -8.17
C VAL C 3 16.73 -11.60 -8.84
N PRO C 4 17.57 -12.62 -9.10
CA PRO C 4 18.87 -12.42 -9.73
C PRO C 4 18.81 -11.63 -11.04
N MET C 5 17.77 -11.86 -11.84
CA MET C 5 17.57 -11.15 -13.09
C MET C 5 16.09 -11.03 -13.39
N VAL C 6 15.67 -9.85 -13.86
CA VAL C 6 14.34 -9.69 -14.43
C VAL C 6 14.38 -9.75 -15.94
N ALA C 7 13.35 -10.34 -16.52
CA ALA C 7 13.22 -10.49 -17.95
C ALA C 7 12.57 -9.23 -18.51
N ALA C 8 13.10 -8.76 -19.64
CA ALA C 8 12.51 -7.62 -20.35
C ALA C 8 11.35 -8.07 -21.22
N VAL C 9 10.30 -7.25 -21.25
CA VAL C 9 9.10 -7.56 -22.05
C VAL C 9 9.36 -7.57 -23.56
#